data_2I25
#
_entry.id   2I25
#
_cell.length_a   73.979
_cell.length_b   82.719
_cell.length_c   107.363
_cell.angle_alpha   90.00
_cell.angle_beta   90.00
_cell.angle_gamma   90.00
#
_symmetry.space_group_name_H-M   'P 21 21 21'
#
loop_
_entity.id
_entity.type
_entity.pdbx_description
1 polymer 'New Antigen Receptor PBLA8'
2 polymer 'Lysozyme C'
3 water water
#
loop_
_entity_poly.entity_id
_entity_poly.type
_entity_poly.pdbx_seq_one_letter_code
_entity_poly.pdbx_strand_id
1 'polypeptide(L)'
;ARVDQTPQRITKETGESLTINCVVRDSRCVLSTGYWYRKPPGSRNEESISDGGRYVETVNRGSKSFSLRINDLTVKDSGT
YRCKPESRYGSYDAVCAALNDQYGGGTVVTVNAAAHHHHHH
;
N,O
2 'polypeptide(L)'
;KVFGRCELAAAMKRHGLDNYRGYSLGNWVCAAKFESNFNTQATNRNTDGSTDYGILQINSRWWCNDGRTPGSRNLCNIPC
SALLSSDITASVNCAKKIVSDGNGMNAWVAWRNRCKGTDVQAWIRGCRL
;
L,M
#
# COMPACT_ATOMS: atom_id res chain seq x y z
N ARG A 2 10.42 2.75 -6.62
CA ARG A 2 9.72 3.03 -7.91
C ARG A 2 8.27 3.49 -7.68
N VAL A 3 7.86 4.36 -8.57
CA VAL A 3 6.59 5.05 -8.50
C VAL A 3 5.94 4.75 -9.84
N ASP A 4 4.73 4.18 -9.79
CA ASP A 4 4.02 3.80 -10.98
C ASP A 4 2.87 4.79 -11.25
N GLN A 5 3.00 5.60 -12.30
CA GLN A 5 2.04 6.64 -12.64
C GLN A 5 1.19 6.26 -13.83
N THR A 6 -0.12 6.33 -13.67
CA THR A 6 -1.05 6.02 -14.74
C THR A 6 -2.16 7.08 -14.80
N PRO A 7 -2.75 7.29 -16.01
CA PRO A 7 -2.38 6.64 -17.28
C PRO A 7 -1.13 7.34 -17.83
N GLN A 8 -0.52 6.76 -18.85
CA GLN A 8 0.63 7.39 -19.46
C GLN A 8 0.20 8.60 -20.32
N ARG A 9 -1.00 8.50 -20.90
CA ARG A 9 -1.54 9.56 -21.81
C ARG A 9 -3.06 9.72 -21.63
N ILE A 10 -3.55 10.97 -21.75
CA ILE A 10 -4.96 11.34 -21.52
C ILE A 10 -5.34 12.36 -22.59
N THR A 11 -6.45 12.14 -23.29
CA THR A 11 -7.02 13.18 -24.15
C THR A 11 -8.41 13.47 -23.60
N LYS A 12 -8.72 14.75 -23.40
CA LYS A 12 -10.02 15.13 -22.85
C LYS A 12 -10.57 16.33 -23.62
N GLU A 13 -11.90 16.50 -23.55
CA GLU A 13 -12.57 17.66 -24.13
C GLU A 13 -12.60 18.76 -23.10
N THR A 14 -12.57 20.01 -23.56
CA THR A 14 -12.77 21.17 -22.68
C THR A 14 -14.03 20.93 -21.83
N GLY A 15 -13.90 21.13 -20.52
CA GLY A 15 -15.03 21.05 -19.59
C GLY A 15 -15.04 19.76 -18.79
N GLU A 16 -14.26 18.77 -19.20
CA GLU A 16 -14.28 17.49 -18.54
C GLU A 16 -13.33 17.50 -17.38
N SER A 17 -13.23 16.38 -16.67
CA SER A 17 -12.31 16.24 -15.59
C SER A 17 -11.36 15.11 -15.97
N LEU A 18 -10.22 15.08 -15.32
CA LEU A 18 -9.28 13.97 -15.44
C LEU A 18 -8.71 13.62 -14.07
N THR A 19 -8.17 12.39 -13.93
CA THR A 19 -7.54 11.94 -12.69
C THR A 19 -6.29 11.15 -13.06
N ILE A 20 -5.24 11.41 -12.33
CA ILE A 20 -3.98 10.73 -12.51
C ILE A 20 -3.62 10.06 -11.17
N ASN A 21 -3.12 8.81 -11.24
CA ASN A 21 -2.79 8.03 -10.06
C ASN A 21 -1.31 7.76 -10.02
N CYS A 22 -0.76 7.76 -8.80
CA CYS A 22 0.58 7.27 -8.53
C CYS A 22 0.56 6.27 -7.38
N VAL A 23 1.26 5.16 -7.58
CA VAL A 23 1.38 4.12 -6.52
C VAL A 23 2.88 3.87 -6.32
N VAL A 24 3.29 3.90 -5.05
CA VAL A 24 4.64 3.61 -4.66
C VAL A 24 4.81 2.13 -4.48
N ARG A 25 5.64 1.55 -5.31
CA ARG A 25 5.84 0.12 -5.24
C ARG A 25 7.03 -0.20 -4.33
N ASP A 26 6.84 -0.10 -3.02
CA ASP A 26 7.92 -0.40 -2.08
C ASP A 26 7.26 -0.89 -0.83
N SER A 27 7.67 -2.06 -0.37
CA SER A 27 7.06 -2.68 0.79
C SER A 27 7.56 -2.09 2.13
N ARG A 28 8.65 -1.38 2.07
CA ARG A 28 9.32 -0.85 3.27
C ARG A 28 8.92 0.61 3.54
N CYS A 29 9.09 1.43 2.54
CA CYS A 29 8.92 2.82 2.78
C CYS A 29 7.46 3.21 2.79
N VAL A 30 7.16 4.20 3.60
CA VAL A 30 5.74 4.63 3.72
C VAL A 30 5.51 5.75 2.75
N LEU A 31 4.24 6.07 2.53
CA LEU A 31 3.84 7.27 1.80
C LEU A 31 3.30 8.28 2.81
N SER A 32 3.97 9.41 2.93
CA SER A 32 3.57 10.45 3.86
C SER A 32 2.65 11.46 3.15
N THR A 33 3.09 11.99 2.04
CA THR A 33 2.29 12.87 1.23
C THR A 33 2.83 12.76 -0.20
N GLY A 34 2.33 13.62 -1.09
CA GLY A 34 2.90 13.65 -2.40
C GLY A 34 2.63 14.99 -3.10
N TYR A 35 3.35 15.17 -4.21
CA TYR A 35 3.33 16.43 -4.96
C TYR A 35 3.17 16.16 -6.43
N TRP A 36 2.69 17.19 -7.13
CA TRP A 36 2.43 17.12 -8.56
C TRP A 36 3.06 18.30 -9.25
N TYR A 37 3.56 18.05 -10.46
CA TYR A 37 4.21 19.06 -11.30
C TYR A 37 3.68 18.98 -12.71
N ARG A 38 3.60 20.13 -13.35
CA ARG A 38 3.23 20.22 -14.76
C ARG A 38 4.32 20.95 -15.55
N LYS A 39 4.72 20.28 -16.64
CA LYS A 39 5.57 20.83 -17.74
C LYS A 39 4.66 21.29 -18.92
N PRO A 40 4.62 22.60 -19.20
CA PRO A 40 3.80 23.08 -20.32
C PRO A 40 4.22 22.46 -21.65
N PRO A 41 3.28 22.36 -22.62
CA PRO A 41 3.69 21.90 -23.94
C PRO A 41 4.79 22.78 -24.48
N GLY A 42 5.82 22.17 -25.08
CA GLY A 42 6.91 22.97 -25.62
C GLY A 42 7.97 23.45 -24.64
N SER A 43 7.87 23.14 -23.36
CA SER A 43 9.01 23.49 -22.52
C SER A 43 9.57 22.34 -21.74
N ARG A 44 10.74 22.53 -21.14
CA ARG A 44 11.41 21.51 -20.36
C ARG A 44 11.10 21.62 -18.89
N ASN A 45 10.55 22.76 -18.44
CA ASN A 45 10.51 23.06 -17.00
C ASN A 45 9.15 22.73 -16.41
N GLU A 46 9.15 21.93 -15.37
CA GLU A 46 7.92 21.57 -14.67
C GLU A 46 7.80 22.46 -13.42
N GLU A 47 6.57 22.82 -13.06
CA GLU A 47 6.28 23.76 -11.98
C GLU A 47 5.21 23.08 -11.12
N SER A 48 5.19 23.37 -9.83
CA SER A 48 4.18 22.73 -8.94
C SER A 48 2.76 23.01 -9.30
N ILE A 49 1.92 22.01 -9.02
CA ILE A 49 0.45 22.08 -9.03
C ILE A 49 0.06 21.57 -7.65
N SER A 50 -0.84 22.22 -6.91
CA SER A 50 -1.34 21.52 -5.68
C SER A 50 -2.84 21.80 -5.38
N ASP A 51 -3.33 21.15 -4.32
CA ASP A 51 -4.72 21.11 -3.95
C ASP A 51 -5.30 22.51 -3.85
N GLY A 52 -6.39 22.74 -4.56
CA GLY A 52 -7.11 23.99 -4.45
C GLY A 52 -7.84 24.30 -5.73
N GLY A 53 -9.06 24.78 -5.59
CA GLY A 53 -9.80 25.28 -6.74
C GLY A 53 -10.13 24.10 -7.63
N ARG A 54 -9.70 24.17 -8.89
CA ARG A 54 -9.96 23.09 -9.83
C ARG A 54 -9.12 21.84 -9.57
N TYR A 55 -8.09 21.95 -8.74
CA TYR A 55 -7.17 20.83 -8.49
C TYR A 55 -7.55 20.14 -7.19
N VAL A 56 -7.79 18.84 -7.25
CA VAL A 56 -8.20 18.09 -6.03
C VAL A 56 -7.24 16.90 -5.80
N GLU A 57 -6.50 16.94 -4.70
CA GLU A 57 -5.50 15.93 -4.40
C GLU A 57 -6.06 14.95 -3.39
N THR A 58 -5.71 13.67 -3.56
CA THR A 58 -6.09 12.66 -2.59
C THR A 58 -4.83 11.82 -2.30
N VAL A 59 -4.56 11.59 -1.03
CA VAL A 59 -3.46 10.75 -0.59
C VAL A 59 -4.06 9.57 0.17
N ASN A 60 -3.68 8.38 -0.22
CA ASN A 60 -4.09 7.18 0.46
C ASN A 60 -2.83 6.49 1.03
N ARG A 61 -2.50 6.83 2.27
CA ARG A 61 -1.27 6.28 2.87
C ARG A 61 -1.31 4.78 2.93
N GLY A 62 -2.47 4.19 3.29
CA GLY A 62 -2.56 2.75 3.47
C GLY A 62 -2.28 1.98 2.19
N SER A 63 -2.68 2.49 1.04
CA SER A 63 -2.37 1.88 -0.26
C SER A 63 -1.07 2.40 -0.89
N LYS A 64 -0.47 3.38 -0.25
CA LYS A 64 0.74 4.06 -0.78
C LYS A 64 0.48 4.64 -2.16
N SER A 65 -0.71 5.25 -2.30
CA SER A 65 -1.10 5.89 -3.53
C SER A 65 -1.48 7.33 -3.31
N PHE A 66 -1.45 8.12 -4.37
CA PHE A 66 -1.93 9.49 -4.32
C PHE A 66 -2.36 9.88 -5.71
N SER A 67 -3.31 10.82 -5.77
CA SER A 67 -4.03 11.09 -7.00
C SER A 67 -4.24 12.58 -7.13
N LEU A 68 -4.26 13.04 -8.37
CA LEU A 68 -4.63 14.39 -8.71
C LEU A 68 -5.84 14.39 -9.66
N ARG A 69 -6.88 15.09 -9.29
CA ARG A 69 -8.03 15.29 -10.15
C ARG A 69 -8.00 16.76 -10.57
N ILE A 70 -8.22 17.00 -11.85
CA ILE A 70 -8.37 18.35 -12.37
C ILE A 70 -9.75 18.46 -13.01
N ASN A 71 -10.53 19.40 -12.50
CA ASN A 71 -11.88 19.61 -12.96
C ASN A 71 -11.93 20.80 -13.96
N ASP A 72 -12.97 20.86 -14.75
CA ASP A 72 -13.25 22.01 -15.60
C ASP A 72 -12.05 22.26 -16.50
N LEU A 73 -11.60 21.21 -17.14
CA LEU A 73 -10.39 21.29 -18.00
C LEU A 73 -10.52 22.34 -19.13
N THR A 74 -9.37 22.90 -19.48
CA THR A 74 -9.25 23.74 -20.67
C THR A 74 -7.93 23.43 -21.37
N VAL A 75 -7.75 23.98 -22.57
CA VAL A 75 -6.49 23.78 -23.29
C VAL A 75 -5.28 24.14 -22.45
N LYS A 76 -5.39 25.15 -21.60
CA LYS A 76 -4.29 25.53 -20.71
C LYS A 76 -3.83 24.42 -19.74
N ASP A 77 -4.64 23.37 -19.57
CA ASP A 77 -4.27 22.25 -18.71
C ASP A 77 -3.43 21.16 -19.42
N SER A 78 -3.23 21.33 -20.73
CA SER A 78 -2.45 20.38 -21.50
C SER A 78 -1.01 20.45 -20.97
N GLY A 79 -0.28 19.34 -21.08
CA GLY A 79 1.13 19.33 -20.69
C GLY A 79 1.50 17.96 -20.18
N THR A 80 2.72 17.84 -19.64
CA THR A 80 3.15 16.58 -18.98
C THR A 80 3.18 16.77 -17.49
N TYR A 81 2.49 15.89 -16.81
CA TYR A 81 2.35 15.91 -15.35
C TYR A 81 3.18 14.76 -14.77
N ARG A 82 3.91 15.01 -13.66
CA ARG A 82 4.61 13.96 -12.91
C ARG A 82 4.28 14.06 -11.46
N CYS A 83 4.26 12.93 -10.74
CA CYS A 83 4.10 12.93 -9.32
C CYS A 83 5.43 12.73 -8.68
N LYS A 84 5.52 13.12 -7.43
CA LYS A 84 6.66 12.85 -6.63
C LYS A 84 6.22 12.52 -5.19
N PRO A 85 6.56 11.35 -4.69
CA PRO A 85 6.19 11.02 -3.31
C PRO A 85 7.08 11.67 -2.28
N GLU A 86 6.54 11.77 -1.06
CA GLU A 86 7.33 12.17 0.10
C GLU A 86 7.16 11.06 1.11
N SER A 87 8.26 10.49 1.55
CA SER A 87 8.29 9.36 2.44
C SER A 87 9.17 9.76 3.61
N ARG A 88 8.55 10.15 4.71
CA ARG A 88 9.27 10.63 5.88
C ARG A 88 9.70 9.51 6.82
N TYR A 89 10.68 9.82 7.63
CA TYR A 89 11.24 8.89 8.57
C TYR A 89 11.84 9.75 9.68
N GLY A 90 12.04 9.13 10.83
CA GLY A 90 12.59 9.78 12.01
C GLY A 90 14.07 9.88 11.91
N SER A 91 14.76 8.75 11.99
CA SER A 91 16.20 8.75 11.75
C SER A 91 16.42 8.37 10.29
N TYR A 92 17.62 8.61 9.80
CA TYR A 92 17.88 8.45 8.38
C TYR A 92 17.76 7.03 7.91
N ASP A 93 17.04 6.87 6.82
CA ASP A 93 16.97 5.57 6.12
C ASP A 93 17.33 5.77 4.65
N ALA A 94 18.47 5.24 4.18
CA ALA A 94 18.94 5.56 2.78
C ALA A 94 18.00 5.08 1.65
N VAL A 95 17.30 4.00 1.90
CA VAL A 95 16.27 3.54 0.94
C VAL A 95 15.14 4.49 0.76
N CYS A 96 14.58 4.88 1.89
CA CYS A 96 13.49 5.77 1.80
C CYS A 96 13.93 7.17 1.38
N ALA A 97 15.16 7.57 1.77
CA ALA A 97 15.70 8.85 1.29
C ALA A 97 15.68 8.87 -0.25
N ALA A 98 16.13 7.79 -0.89
CA ALA A 98 16.17 7.77 -2.38
C ALA A 98 14.79 7.81 -3.05
N LEU A 99 13.79 7.22 -2.41
CA LEU A 99 12.42 7.28 -2.89
C LEU A 99 11.92 8.72 -2.99
N ASN A 100 12.38 9.56 -2.07
CA ASN A 100 11.99 10.95 -2.09
C ASN A 100 12.54 11.76 -3.30
N ASP A 101 13.46 11.20 -4.04
CA ASP A 101 13.99 11.84 -5.22
C ASP A 101 13.35 11.26 -6.48
N GLN A 102 12.42 10.29 -6.35
CA GLN A 102 11.89 9.59 -7.54
C GLN A 102 10.64 10.27 -8.05
N TYR A 103 10.39 10.21 -9.36
CA TYR A 103 9.19 10.77 -9.93
C TYR A 103 8.49 9.64 -10.65
N GLY A 104 7.19 9.79 -10.76
CA GLY A 104 6.44 9.00 -11.73
C GLY A 104 6.88 9.24 -13.14
N GLY A 105 6.52 8.27 -14.00
CA GLY A 105 6.92 8.27 -15.38
C GLY A 105 6.26 9.36 -16.25
N GLY A 106 5.27 10.03 -15.71
CA GLY A 106 4.58 11.06 -16.41
C GLY A 106 3.26 10.69 -17.03
N THR A 107 2.41 11.71 -17.22
CA THR A 107 1.19 11.57 -17.99
C THR A 107 1.12 12.72 -18.97
N VAL A 108 1.05 12.40 -20.26
CA VAL A 108 0.95 13.47 -21.28
C VAL A 108 -0.55 13.79 -21.51
N VAL A 109 -0.95 14.99 -21.14
CA VAL A 109 -2.38 15.40 -21.17
C VAL A 109 -2.60 16.33 -22.37
N THR A 110 -3.57 15.96 -23.21
CA THR A 110 -4.06 16.77 -24.29
C THR A 110 -5.52 17.17 -24.01
N VAL A 111 -5.79 18.46 -23.90
CA VAL A 111 -7.19 18.92 -23.77
C VAL A 111 -7.53 19.63 -25.08
N ASN A 112 -8.54 19.13 -25.77
CA ASN A 112 -8.97 19.72 -27.03
C ASN A 112 -9.80 20.93 -26.81
N ALA A 113 -9.68 21.87 -27.75
CA ALA A 113 -10.36 23.15 -27.71
C ALA A 113 -11.84 22.95 -27.70
N ALA A 114 -12.54 23.95 -27.22
CA ALA A 114 -13.97 24.02 -27.34
C ALA A 114 -14.28 24.39 -28.80
N ALA A 115 -15.53 24.18 -29.20
CA ALA A 115 -15.95 24.51 -30.56
C ALA A 115 -16.82 25.76 -30.58
N LYS B 1 25.75 14.90 26.70
CA LYS B 1 25.56 14.12 27.97
C LYS B 1 25.23 12.73 27.55
N VAL B 2 25.81 11.75 28.24
CA VAL B 2 25.45 10.33 28.04
C VAL B 2 24.60 9.89 29.21
N PHE B 3 23.38 9.46 28.91
CA PHE B 3 22.44 9.00 29.94
C PHE B 3 22.72 7.57 30.40
N GLY B 4 22.39 7.29 31.66
CA GLY B 4 22.23 5.92 32.14
C GLY B 4 20.91 5.38 31.61
N ARG B 5 20.81 4.07 31.47
CA ARG B 5 19.57 3.44 30.99
C ARG B 5 18.41 3.77 31.88
N CYS B 6 18.55 3.50 33.18
CA CYS B 6 17.47 3.77 34.11
C CYS B 6 17.25 5.26 34.27
N GLU B 7 18.33 6.05 34.26
CA GLU B 7 18.20 7.49 34.34
C GLU B 7 17.33 7.98 33.16
N LEU B 8 17.62 7.48 31.96
CA LEU B 8 16.88 7.88 30.77
C LEU B 8 15.40 7.41 30.83
N ALA B 9 15.18 6.19 31.30
CA ALA B 9 13.83 5.65 31.51
C ALA B 9 13.04 6.58 32.40
N ALA B 10 13.63 6.95 33.53
CA ALA B 10 12.99 7.89 34.47
C ALA B 10 12.63 9.18 33.75
N ALA B 11 13.54 9.71 32.94
CA ALA B 11 13.34 11.02 32.28
C ALA B 11 12.22 10.92 31.24
N MET B 12 12.25 9.85 30.45
CA MET B 12 11.22 9.61 29.44
C MET B 12 9.80 9.38 30.06
N LYS B 13 9.73 8.66 31.17
CA LYS B 13 8.46 8.49 31.87
C LYS B 13 7.93 9.85 32.33
N ARG B 14 8.81 10.69 32.88
CA ARG B 14 8.40 12.02 33.36
C ARG B 14 7.87 12.86 32.19
N HIS B 15 8.47 12.64 31.02
CA HIS B 15 8.08 13.36 29.80
C HIS B 15 6.86 12.76 29.07
N GLY B 16 6.25 11.72 29.64
CA GLY B 16 4.97 11.23 29.13
C GLY B 16 5.04 10.22 28.00
N LEU B 17 6.17 9.53 27.85
CA LEU B 17 6.36 8.57 26.73
C LEU B 17 5.88 7.16 27.07
N ASP B 18 5.61 6.85 28.34
CA ASP B 18 5.11 5.49 28.65
C ASP B 18 3.72 5.30 28.05
N ASN B 19 3.63 4.39 27.07
CA ASN B 19 2.41 4.09 26.32
C ASN B 19 1.96 5.21 25.38
N TYR B 20 2.88 6.12 25.05
CA TYR B 20 2.55 7.20 24.11
C TYR B 20 2.36 6.60 22.73
N ARG B 21 1.21 6.89 22.12
CA ARG B 21 0.87 6.30 20.81
C ARG B 21 0.93 4.76 20.84
N GLY B 22 0.74 4.21 22.04
CA GLY B 22 0.73 2.77 22.29
C GLY B 22 2.06 2.13 22.61
N TYR B 23 3.13 2.90 22.77
CA TYR B 23 4.44 2.31 22.87
C TYR B 23 4.92 2.40 24.31
N SER B 24 5.00 1.25 24.95
CA SER B 24 5.37 1.20 26.36
C SER B 24 6.80 1.74 26.47
N LEU B 25 7.14 2.18 27.67
CA LEU B 25 8.37 2.92 27.94
C LEU B 25 9.62 2.24 27.39
N GLY B 26 9.73 0.93 27.55
CA GLY B 26 10.93 0.22 27.08
C GLY B 26 11.21 0.37 25.60
N ASN B 27 10.17 0.59 24.79
CA ASN B 27 10.39 0.87 23.37
C ASN B 27 11.27 2.08 23.14
N TRP B 28 11.01 3.12 23.93
CA TRP B 28 11.67 4.40 23.74
C TRP B 28 13.10 4.37 24.26
N VAL B 29 13.30 3.71 25.41
CA VAL B 29 14.63 3.52 25.92
C VAL B 29 15.45 2.72 24.90
N CYS B 30 14.88 1.64 24.41
CA CYS B 30 15.57 0.76 23.49
C CYS B 30 15.92 1.52 22.17
N ALA B 31 14.98 2.31 21.67
CA ALA B 31 15.21 3.15 20.47
C ALA B 31 16.40 4.06 20.69
N ALA B 32 16.44 4.72 21.84
CA ALA B 32 17.54 5.64 22.18
C ALA B 32 18.85 4.90 22.25
N LYS B 33 18.82 3.71 22.84
CA LYS B 33 20.07 2.94 22.92
C LYS B 33 20.67 2.73 21.54
N PHE B 34 19.85 2.29 20.59
CA PHE B 34 20.37 1.79 19.34
C PHE B 34 20.47 2.90 18.31
N GLU B 35 19.80 4.05 18.54
CA GLU B 35 20.02 5.24 17.71
C GLU B 35 21.28 6.01 18.11
N SER B 36 21.41 6.25 19.41
CA SER B 36 22.47 7.15 19.91
C SER B 36 23.36 6.60 21.00
N ASN B 37 23.11 5.37 21.45
CA ASN B 37 23.80 4.87 22.62
C ASN B 37 23.65 5.86 23.79
N PHE B 38 22.45 6.41 23.94
CA PHE B 38 22.06 7.33 25.03
C PHE B 38 22.87 8.64 25.09
N ASN B 39 23.51 9.01 23.98
CA ASN B 39 24.38 10.18 23.94
C ASN B 39 23.55 11.34 23.38
N THR B 40 23.27 12.32 24.21
CA THR B 40 22.45 13.44 23.74
C THR B 40 23.14 14.28 22.65
N GLN B 41 24.46 14.16 22.51
CA GLN B 41 25.20 14.97 21.54
C GLN B 41 25.52 14.22 20.24
N ALA B 42 24.99 13.01 20.08
CA ALA B 42 25.18 12.23 18.88
C ALA B 42 24.70 13.00 17.64
N THR B 43 25.55 13.07 16.62
CA THR B 43 25.12 13.59 15.32
C THR B 43 25.75 12.66 14.30
N ASN B 44 25.04 12.42 13.19
CA ASN B 44 25.56 11.58 12.13
C ASN B 44 25.17 12.19 10.80
N ARG B 45 26.13 12.44 9.89
CA ARG B 45 25.87 13.10 8.62
C ARG B 45 25.53 12.03 7.60
N ASN B 46 24.55 12.35 6.75
CA ASN B 46 23.99 11.39 5.84
C ASN B 46 24.28 11.81 4.40
N THR B 47 24.26 10.86 3.46
CA THR B 47 24.65 11.20 2.09
C THR B 47 23.79 12.24 1.40
N ASP B 48 22.56 12.44 1.86
CA ASP B 48 21.66 13.37 1.21
C ASP B 48 21.86 14.78 1.71
N GLY B 49 22.90 15.02 2.50
CA GLY B 49 23.14 16.39 2.96
C GLY B 49 22.45 16.66 4.28
N SER B 50 21.62 15.73 4.72
CA SER B 50 20.95 15.81 6.01
C SER B 50 21.89 15.32 7.13
N THR B 51 21.46 15.56 8.35
CA THR B 51 22.15 15.10 9.53
C THR B 51 21.10 14.59 10.53
N ASP B 52 21.46 13.53 11.27
CA ASP B 52 20.65 13.02 12.39
C ASP B 52 21.17 13.58 13.73
N TYR B 53 20.27 14.14 14.56
CA TYR B 53 20.65 14.86 15.78
C TYR B 53 20.06 14.32 17.09
N GLY B 54 20.92 14.13 18.09
CA GLY B 54 20.45 13.89 19.45
C GLY B 54 20.16 12.45 19.77
N ILE B 55 19.53 12.25 20.92
CA ILE B 55 19.40 10.95 21.52
C ILE B 55 18.50 9.99 20.72
N LEU B 56 17.59 10.58 19.94
CA LEU B 56 16.73 9.82 19.04
C LEU B 56 17.03 10.05 17.56
N GLN B 57 18.21 10.64 17.28
CA GLN B 57 18.71 10.77 15.92
C GLN B 57 17.69 11.30 14.94
N ILE B 58 17.18 12.49 15.24
CA ILE B 58 16.11 13.07 14.44
C ILE B 58 16.69 13.75 13.17
N ASN B 59 16.10 13.45 12.01
CA ASN B 59 16.63 13.85 10.72
C ASN B 59 16.27 15.26 10.26
N SER B 60 17.28 15.95 9.72
CA SER B 60 17.15 17.37 9.42
C SER B 60 16.49 17.62 8.09
N ARG B 61 16.23 16.58 7.29
CA ARG B 61 15.45 16.78 6.07
C ARG B 61 14.01 17.05 6.35
N TRP B 62 13.51 16.58 7.49
CA TRP B 62 12.08 16.65 7.82
C TRP B 62 11.75 17.52 9.06
N TRP B 63 12.56 17.44 10.14
CA TRP B 63 12.04 17.72 11.47
C TRP B 63 12.58 19.01 12.10
N CYS B 64 13.77 19.42 11.71
CA CYS B 64 14.45 20.55 12.32
C CYS B 64 15.27 21.26 11.28
N ASN B 65 15.67 22.48 11.61
CA ASN B 65 16.51 23.27 10.71
C ASN B 65 17.96 23.36 11.13
N ASP B 66 18.86 22.86 10.27
CA ASP B 66 20.29 23.03 10.52
C ASP B 66 20.94 23.96 9.50
N GLY B 67 20.10 24.54 8.65
CA GLY B 67 20.51 25.58 7.74
C GLY B 67 21.38 25.10 6.60
N ARG B 68 21.58 23.79 6.48
CA ARG B 68 22.49 23.29 5.46
C ARG B 68 21.96 22.09 4.72
N THR B 69 20.70 21.74 4.97
CA THR B 69 20.14 20.51 4.43
C THR B 69 19.27 20.81 3.21
N PRO B 70 19.66 20.26 2.02
CA PRO B 70 18.88 20.48 0.82
C PRO B 70 17.46 19.97 0.92
N GLY B 71 16.55 20.73 0.35
CA GLY B 71 15.19 20.26 0.23
C GLY B 71 14.58 19.94 1.57
N SER B 72 14.89 20.71 2.59
CA SER B 72 14.38 20.34 3.92
C SER B 72 13.13 21.08 4.36
N ARG B 73 12.36 20.41 5.22
CA ARG B 73 11.23 20.97 5.94
C ARG B 73 11.67 21.08 7.40
N ASN B 74 10.83 21.70 8.22
CA ASN B 74 11.20 21.93 9.61
C ASN B 74 9.94 21.69 10.36
N LEU B 75 9.45 20.47 10.26
CA LEU B 75 8.10 20.16 10.73
C LEU B 75 7.92 20.30 12.24
N CYS B 76 9.00 20.16 13.02
CA CYS B 76 8.90 20.33 14.46
C CYS B 76 9.15 21.78 14.84
N ASN B 77 9.47 22.61 13.83
CA ASN B 77 9.66 24.03 14.03
C ASN B 77 10.68 24.29 15.09
N ILE B 78 11.82 23.61 14.98
CA ILE B 78 12.96 23.86 15.88
C ILE B 78 14.29 23.88 15.13
N PRO B 79 15.30 24.61 15.68
CA PRO B 79 16.68 24.50 15.21
C PRO B 79 17.24 23.12 15.63
N CYS B 80 18.06 22.49 14.78
CA CYS B 80 18.62 21.19 15.17
C CYS B 80 19.50 21.22 16.44
N SER B 81 20.17 22.35 16.69
CA SER B 81 20.90 22.54 17.93
C SER B 81 20.07 22.22 19.19
N ALA B 82 18.77 22.52 19.15
CA ALA B 82 17.89 22.26 20.32
C ALA B 82 17.82 20.77 20.65
N LEU B 83 18.16 19.92 19.68
CA LEU B 83 18.07 18.47 19.86
C LEU B 83 19.33 17.83 20.43
N LEU B 84 20.35 18.67 20.69
CA LEU B 84 21.63 18.24 21.22
C LEU B 84 21.79 18.62 22.70
N SER B 85 20.68 18.97 23.35
CA SER B 85 20.72 19.43 24.73
C SER B 85 20.95 18.33 25.77
N SER B 86 21.39 18.69 26.97
CA SER B 86 21.47 17.71 28.10
C SER B 86 20.09 17.41 28.73
N ASP B 87 19.20 18.41 28.67
CA ASP B 87 17.74 18.25 28.91
C ASP B 87 17.04 17.71 27.65
N ILE B 88 16.29 16.60 27.75
CA ILE B 88 15.64 15.94 26.56
C ILE B 88 14.27 16.50 26.01
N THR B 89 13.77 17.56 26.62
CA THR B 89 12.46 18.09 26.27
C THR B 89 12.28 18.26 24.76
N ALA B 90 13.20 18.91 24.07
CA ALA B 90 13.02 19.16 22.63
C ALA B 90 12.91 17.85 21.82
N SER B 91 13.80 16.92 22.12
CA SER B 91 13.85 15.65 21.39
C SER B 91 12.55 14.91 21.65
N VAL B 92 12.07 14.92 22.89
CA VAL B 92 10.82 14.20 23.21
C VAL B 92 9.61 14.78 22.49
N ASN B 93 9.50 16.11 22.49
CA ASN B 93 8.38 16.79 21.84
C ASN B 93 8.39 16.54 20.35
N CYS B 94 9.59 16.51 19.75
CA CYS B 94 9.68 16.12 18.35
C CYS B 94 9.43 14.63 18.11
N ALA B 95 9.96 13.77 18.97
CA ALA B 95 9.63 12.32 18.92
C ALA B 95 8.12 12.08 18.94
N LYS B 96 7.41 12.78 19.78
CA LYS B 96 5.96 12.69 19.84
C LYS B 96 5.28 13.05 18.51
N LYS B 97 5.81 14.04 17.81
CA LYS B 97 5.29 14.36 16.50
C LYS B 97 5.60 13.28 15.49
N ILE B 98 6.86 12.82 15.46
CA ILE B 98 7.33 11.78 14.52
C ILE B 98 6.53 10.48 14.64
N VAL B 99 6.31 10.06 15.89
CA VAL B 99 5.60 8.81 16.15
C VAL B 99 4.11 8.91 15.78
N SER B 100 3.60 10.12 15.65
CA SER B 100 2.20 10.38 15.31
C SER B 100 2.06 10.71 13.80
N ASP B 101 3.16 10.59 13.06
CA ASP B 101 3.21 11.03 11.64
C ASP B 101 2.71 9.98 10.64
N GLY B 102 2.38 8.78 11.12
CA GLY B 102 1.72 7.77 10.28
C GLY B 102 2.42 6.41 10.22
N ASN B 103 3.63 6.34 10.78
CA ASN B 103 4.44 5.08 10.76
C ASN B 103 4.80 4.55 12.14
N GLY B 104 4.23 5.12 13.20
CA GLY B 104 4.59 4.62 14.51
C GLY B 104 6.05 4.73 14.77
N MET B 105 6.56 3.81 15.56
CA MET B 105 8.00 3.83 15.89
C MET B 105 8.80 3.24 14.77
N ASN B 106 8.13 2.74 13.72
CA ASN B 106 8.87 2.32 12.50
C ASN B 106 9.60 3.52 11.85
N ALA B 107 9.25 4.71 12.30
CA ALA B 107 9.99 5.94 11.88
C ALA B 107 11.48 5.93 12.26
N TRP B 108 11.83 5.17 13.28
CA TRP B 108 13.22 4.99 13.67
C TRP B 108 13.74 3.63 13.19
N VAL B 109 14.72 3.70 12.32
CA VAL B 109 15.36 2.51 11.80
C VAL B 109 15.87 1.60 12.93
N ALA B 110 16.49 2.17 13.94
CA ALA B 110 17.05 1.35 15.04
C ALA B 110 15.92 0.65 15.81
N TRP B 111 14.74 1.27 15.92
CA TRP B 111 13.62 0.62 16.60
C TRP B 111 13.19 -0.56 15.74
N ARG B 112 13.03 -0.32 14.45
CA ARG B 112 12.61 -1.38 13.51
C ARG B 112 13.59 -2.56 13.56
N ASN B 113 14.88 -2.27 13.58
CA ASN B 113 15.93 -3.28 13.41
C ASN B 113 16.30 -3.97 14.71
N ARG B 114 16.17 -3.27 15.82
CA ARG B 114 16.70 -3.81 17.10
C ARG B 114 15.74 -3.86 18.28
N CYS B 115 14.54 -3.28 18.16
CA CYS B 115 13.57 -3.25 19.24
C CYS B 115 12.25 -3.94 18.94
N LYS B 116 11.72 -3.68 17.75
CA LYS B 116 10.54 -4.36 17.26
C LYS B 116 10.75 -5.88 17.23
N GLY B 117 9.80 -6.63 17.78
CA GLY B 117 9.89 -8.09 17.87
C GLY B 117 10.84 -8.63 18.92
N THR B 118 11.34 -7.79 19.86
CA THR B 118 12.18 -8.20 20.94
C THR B 118 11.46 -7.92 22.29
N ASP B 119 11.98 -8.53 23.36
CA ASP B 119 11.51 -8.24 24.70
C ASP B 119 11.95 -6.86 25.22
N VAL B 120 11.28 -5.82 24.76
CA VAL B 120 11.67 -4.44 25.05
C VAL B 120 11.46 -4.09 26.52
N GLN B 121 10.63 -4.90 27.22
CA GLN B 121 10.40 -4.67 28.64
C GLN B 121 11.70 -4.84 29.41
N ALA B 122 12.64 -5.57 28.83
CA ALA B 122 13.93 -5.81 29.48
C ALA B 122 14.65 -4.50 29.72
N TRP B 123 14.42 -3.52 28.84
CA TRP B 123 15.12 -2.25 28.91
C TRP B 123 14.75 -1.40 30.12
N ILE B 124 13.69 -1.75 30.85
CA ILE B 124 13.36 -1.06 32.11
C ILE B 124 13.47 -1.97 33.33
N ARG B 125 13.98 -3.19 33.11
CA ARG B 125 14.20 -4.09 34.18
C ARG B 125 15.22 -3.43 35.15
N GLY B 126 14.88 -3.42 36.43
CA GLY B 126 15.78 -2.93 37.47
C GLY B 126 15.62 -1.46 37.78
N CYS B 127 14.78 -0.78 37.02
CA CYS B 127 14.64 0.66 37.14
C CYS B 127 13.60 1.05 38.17
N ARG B 128 14.00 1.97 39.04
CA ARG B 128 13.10 2.61 39.97
C ARG B 128 12.26 3.67 39.22
N LEU B 129 10.98 3.36 38.96
CA LEU B 129 10.14 4.19 38.07
C LEU B 129 8.77 4.59 38.62
N ARG C 2 -11.19 -0.05 -15.47
CA ARG C 2 -12.09 1.12 -15.24
C ARG C 2 -13.12 0.79 -14.14
N VAL C 3 -13.34 1.71 -13.22
CA VAL C 3 -14.20 1.44 -12.09
C VAL C 3 -15.22 2.57 -12.10
N ASP C 4 -16.52 2.25 -12.16
CA ASP C 4 -17.55 3.28 -12.33
C ASP C 4 -18.29 3.42 -11.03
N GLN C 5 -18.06 4.53 -10.33
CA GLN C 5 -18.60 4.76 -9.02
C GLN C 5 -19.78 5.75 -9.12
N THR C 6 -20.92 5.37 -8.53
CA THR C 6 -22.08 6.23 -8.53
C THR C 6 -22.73 6.23 -7.17
N PRO C 7 -23.41 7.33 -6.81
CA PRO C 7 -23.55 8.61 -7.55
C PRO C 7 -22.27 9.44 -7.40
N GLN C 8 -22.12 10.51 -8.18
CA GLN C 8 -20.95 11.42 -8.04
C GLN C 8 -21.06 12.31 -6.84
N ARG C 9 -22.31 12.64 -6.47
CA ARG C 9 -22.57 13.52 -5.34
C ARG C 9 -23.83 13.04 -4.62
N ILE C 10 -23.87 13.21 -3.31
CA ILE C 10 -25.03 12.79 -2.50
C ILE C 10 -25.23 13.87 -1.46
N THR C 11 -26.44 14.43 -1.32
CA THR C 11 -26.79 15.25 -0.10
C THR C 11 -27.88 14.51 0.66
N LYS C 12 -27.68 14.36 1.97
CA LYS C 12 -28.64 13.70 2.84
C LYS C 12 -28.90 14.55 4.10
N GLU C 13 -30.00 14.23 4.76
CA GLU C 13 -30.25 14.72 6.11
C GLU C 13 -29.65 13.77 7.13
N THR C 14 -29.26 14.35 8.26
CA THR C 14 -28.88 13.60 9.45
C THR C 14 -29.97 12.56 9.77
N GLY C 15 -29.54 11.35 10.05
CA GLY C 15 -30.45 10.23 10.31
C GLY C 15 -30.82 9.35 9.13
N GLU C 16 -30.59 9.83 7.92
CA GLU C 16 -30.93 9.09 6.71
C GLU C 16 -29.85 8.03 6.43
N SER C 17 -30.00 7.27 5.34
CA SER C 17 -29.01 6.30 4.90
C SER C 17 -28.55 6.71 3.54
N LEU C 18 -27.38 6.23 3.16
CA LEU C 18 -26.94 6.38 1.78
C LEU C 18 -26.30 5.10 1.30
N THR C 19 -26.23 4.98 -0.03
CA THR C 19 -25.56 3.87 -0.69
C THR C 19 -24.71 4.38 -1.83
N ILE C 20 -23.49 3.82 -1.91
CA ILE C 20 -22.62 4.10 -3.01
C ILE C 20 -22.34 2.76 -3.75
N ASN C 21 -22.35 2.77 -5.08
CA ASN C 21 -22.15 1.56 -5.89
C ASN C 21 -20.88 1.70 -6.73
N CYS C 22 -20.17 0.59 -6.90
CA CYS C 22 -18.97 0.58 -7.76
C CYS C 22 -19.12 -0.65 -8.68
N VAL C 23 -18.95 -0.44 -9.97
CA VAL C 23 -18.98 -1.52 -10.97
C VAL C 23 -17.63 -1.53 -11.73
N VAL C 24 -17.02 -2.70 -11.81
CA VAL C 24 -15.78 -2.88 -12.57
C VAL C 24 -16.21 -3.14 -14.00
N ARG C 25 -15.87 -2.22 -14.88
CA ARG C 25 -16.32 -2.30 -16.26
C ARG C 25 -15.23 -2.94 -17.07
N ASP C 26 -15.15 -4.25 -17.00
CA ASP C 26 -14.05 -4.98 -17.56
C ASP C 26 -14.49 -6.43 -17.69
N SER C 27 -14.58 -6.89 -18.93
CA SER C 27 -15.10 -8.19 -19.24
C SER C 27 -14.05 -9.26 -19.04
N ARG C 28 -12.83 -8.86 -18.67
CA ARG C 28 -11.74 -9.79 -18.53
C ARG C 28 -11.50 -10.13 -17.05
N CYS C 29 -11.31 -9.13 -16.22
CA CYS C 29 -10.83 -9.39 -14.86
C CYS C 29 -11.99 -9.64 -13.93
N VAL C 30 -11.83 -10.56 -12.98
CA VAL C 30 -12.91 -10.87 -12.02
C VAL C 30 -12.90 -9.89 -10.87
N LEU C 31 -13.97 -9.83 -10.11
CA LEU C 31 -13.99 -9.01 -8.87
C LEU C 31 -13.91 -10.01 -7.73
N SER C 32 -12.90 -9.85 -6.87
CA SER C 32 -12.79 -10.74 -5.73
C SER C 32 -13.38 -10.08 -4.51
N THR C 33 -12.96 -8.89 -4.26
CA THR C 33 -13.53 -8.06 -3.16
C THR C 33 -13.39 -6.59 -3.50
N GLY C 34 -13.74 -5.72 -2.54
CA GLY C 34 -13.52 -4.34 -2.70
C GLY C 34 -13.37 -3.63 -1.39
N TYR C 35 -12.82 -2.43 -1.46
CA TYR C 35 -12.54 -1.57 -0.30
C TYR C 35 -13.08 -0.17 -0.51
N TRP C 36 -13.29 0.49 0.62
CA TRP C 36 -13.82 1.86 0.66
C TRP C 36 -12.99 2.77 1.52
N TYR C 37 -12.87 4.02 1.10
CA TYR C 37 -12.05 5.06 1.80
C TYR C 37 -12.82 6.34 1.89
N ARG C 38 -12.61 7.11 2.94
CA ARG C 38 -13.17 8.45 3.05
C ARG C 38 -12.14 9.49 3.35
N LYS C 39 -12.17 10.57 2.58
CA LYS C 39 -11.40 11.78 2.75
C LYS C 39 -12.31 12.81 3.44
N PRO C 40 -11.97 13.21 4.64
CA PRO C 40 -12.81 14.23 5.30
C PRO C 40 -12.83 15.58 4.55
N PRO C 41 -13.89 16.37 4.70
CA PRO C 41 -13.87 17.75 4.20
C PRO C 41 -12.64 18.51 4.68
N GLY C 42 -12.01 19.24 3.77
CA GLY C 42 -10.81 19.96 4.12
C GLY C 42 -9.49 19.23 4.18
N SER C 43 -9.49 17.92 3.99
CA SER C 43 -8.32 17.09 4.13
C SER C 43 -7.92 16.56 2.73
N ARG C 44 -6.66 16.26 2.55
CA ARG C 44 -6.19 15.51 1.35
C ARG C 44 -6.16 13.98 1.58
N ASN C 45 -6.29 13.51 2.84
CA ASN C 45 -6.02 12.14 3.17
C ASN C 45 -7.24 11.29 3.32
N GLU C 46 -7.25 10.20 2.54
CA GLU C 46 -8.23 9.10 2.55
C GLU C 46 -7.90 8.07 3.58
N GLU C 47 -8.88 7.60 4.36
CA GLU C 47 -8.65 6.49 5.30
C GLU C 47 -9.70 5.43 5.13
N SER C 48 -9.38 4.19 5.47
CA SER C 48 -10.33 3.09 5.34
C SER C 48 -11.66 3.31 6.09
N ILE C 49 -12.72 2.79 5.47
CA ILE C 49 -14.03 2.56 6.08
C ILE C 49 -14.23 1.05 5.89
N SER C 50 -14.46 0.32 6.97
CA SER C 50 -14.68 -1.16 6.86
C SER C 50 -16.07 -1.61 7.39
N ASP C 51 -16.59 -2.72 6.84
CA ASP C 51 -17.86 -3.33 7.27
C ASP C 51 -17.91 -3.45 8.81
N GLY C 52 -19.03 -3.01 9.37
CA GLY C 52 -19.28 -3.12 10.79
C GLY C 52 -20.18 -1.97 11.21
N GLY C 53 -21.05 -2.22 12.17
CA GLY C 53 -21.91 -1.19 12.70
C GLY C 53 -22.83 -0.52 11.70
N ARG C 54 -22.68 0.80 11.56
CA ARG C 54 -23.51 1.57 10.63
C ARG C 54 -23.16 1.33 9.16
N TYR C 55 -21.98 0.73 8.91
CA TYR C 55 -21.46 0.47 7.58
C TYR C 55 -21.76 -0.99 7.17
N VAL C 56 -22.30 -1.16 5.98
CA VAL C 56 -22.67 -2.45 5.47
C VAL C 56 -22.12 -2.54 4.04
N GLU C 57 -21.20 -3.44 3.85
CA GLU C 57 -20.63 -3.70 2.55
C GLU C 57 -21.23 -4.94 1.90
N THR C 58 -21.37 -4.90 0.58
CA THR C 58 -21.92 -5.99 -0.19
C THR C 58 -21.07 -6.13 -1.42
N VAL C 59 -20.65 -7.35 -1.72
CA VAL C 59 -19.90 -7.60 -2.94
C VAL C 59 -20.72 -8.57 -3.78
N ASN C 60 -20.85 -8.26 -5.06
CA ASN C 60 -21.57 -9.07 -6.02
C ASN C 60 -20.57 -9.46 -7.11
N ARG C 61 -19.95 -10.61 -6.94
CA ARG C 61 -18.87 -11.01 -7.84
C ARG C 61 -19.40 -11.24 -9.25
N GLY C 62 -20.60 -11.82 -9.40
CA GLY C 62 -21.16 -12.12 -10.73
C GLY C 62 -21.41 -10.84 -11.54
N SER C 63 -21.87 -9.79 -10.86
CA SER C 63 -22.08 -8.47 -11.47
C SER C 63 -20.82 -7.61 -11.56
N LYS C 64 -19.74 -8.06 -10.92
CA LYS C 64 -18.51 -7.26 -10.68
C LYS C 64 -18.85 -5.91 -10.07
N SER C 65 -19.70 -5.93 -9.03
CA SER C 65 -20.14 -4.71 -8.42
C SER C 65 -19.86 -4.86 -6.93
N PHE C 66 -19.71 -3.74 -6.24
CA PHE C 66 -19.68 -3.77 -4.77
C PHE C 66 -20.24 -2.45 -4.24
N SER C 67 -20.85 -2.48 -3.08
CA SER C 67 -21.63 -1.32 -2.56
C SER C 67 -21.26 -1.10 -1.12
N LEU C 68 -21.41 0.15 -0.72
CA LEU C 68 -21.28 0.55 0.67
C LEU C 68 -22.58 1.28 1.06
N ARG C 69 -23.20 0.81 2.12
CA ARG C 69 -24.36 1.44 2.71
C ARG C 69 -23.91 2.03 4.00
N ILE C 70 -24.33 3.27 4.28
CA ILE C 70 -24.06 3.88 5.57
C ILE C 70 -25.37 4.30 6.17
N ASN C 71 -25.67 3.80 7.35
CA ASN C 71 -26.91 4.13 8.06
C ASN C 71 -26.70 5.17 9.16
N ASP C 72 -27.80 5.79 9.58
CA ASP C 72 -27.78 6.70 10.73
C ASP C 72 -26.75 7.80 10.50
N LEU C 73 -26.80 8.46 9.34
CA LEU C 73 -25.79 9.43 8.93
C LEU C 73 -25.80 10.69 9.86
N THR C 74 -24.61 11.24 10.09
CA THR C 74 -24.48 12.54 10.73
C THR C 74 -23.51 13.37 9.92
N VAL C 75 -23.30 14.60 10.32
CA VAL C 75 -22.37 15.47 9.60
C VAL C 75 -20.97 14.91 9.56
N LYS C 76 -20.62 14.10 10.54
CA LYS C 76 -19.30 13.47 10.55
C LYS C 76 -19.07 12.48 9.39
N ASP C 77 -20.12 12.09 8.65
CA ASP C 77 -19.99 11.21 7.51
C ASP C 77 -19.79 11.95 6.20
N SER C 78 -19.87 13.28 6.22
CA SER C 78 -19.59 14.08 5.02
C SER C 78 -18.14 13.81 4.61
N GLY C 79 -17.88 13.98 3.34
CA GLY C 79 -16.51 13.73 2.83
C GLY C 79 -16.58 13.13 1.46
N THR C 80 -15.39 12.81 0.91
CA THR C 80 -15.31 12.21 -0.41
C THR C 80 -14.93 10.74 -0.20
N TYR C 81 -15.76 9.86 -0.75
CA TYR C 81 -15.59 8.40 -0.60
C TYR C 81 -15.09 7.88 -1.96
N ARG C 82 -14.16 6.96 -1.93
CA ARG C 82 -13.73 6.22 -3.13
C ARG C 82 -13.70 4.71 -2.89
N CYS C 83 -13.99 3.96 -3.93
CA CYS C 83 -13.97 2.51 -3.84
C CYS C 83 -12.68 2.09 -4.54
N LYS C 84 -12.21 0.89 -4.21
CA LYS C 84 -11.06 0.30 -4.84
C LYS C 84 -11.31 -1.22 -4.93
N PRO C 85 -11.36 -1.75 -6.13
CA PRO C 85 -11.55 -3.18 -6.27
C PRO C 85 -10.27 -3.96 -5.99
N GLU C 86 -10.51 -5.23 -5.72
CA GLU C 86 -9.44 -6.26 -5.68
C GLU C 86 -9.80 -7.39 -6.58
N SER C 87 -8.87 -7.74 -7.46
CA SER C 87 -9.07 -8.78 -8.49
C SER C 87 -7.87 -9.73 -8.33
N ARG C 88 -8.07 -10.89 -7.69
CA ARG C 88 -7.03 -11.76 -7.37
C ARG C 88 -6.84 -12.78 -8.52
N TYR C 89 -5.69 -13.36 -8.55
CA TYR C 89 -5.27 -14.37 -9.54
C TYR C 89 -4.25 -15.24 -8.86
N GLY C 90 -4.00 -16.41 -9.46
CA GLY C 90 -3.08 -17.41 -8.95
C GLY C 90 -1.71 -17.03 -9.39
N SER C 91 -1.44 -17.10 -10.71
CA SER C 91 -0.21 -16.63 -11.30
C SER C 91 -0.42 -15.19 -11.81
N TYR C 92 0.67 -14.49 -12.08
CA TYR C 92 0.56 -13.05 -12.39
C TYR C 92 -0.23 -12.87 -13.69
N ASP C 93 -1.23 -12.01 -13.65
CA ASP C 93 -2.03 -11.58 -14.80
C ASP C 93 -1.80 -10.08 -14.99
N ALA C 94 -1.00 -9.68 -16.00
CA ALA C 94 -0.61 -8.27 -16.10
C ALA C 94 -1.80 -7.29 -16.22
N VAL C 95 -2.80 -7.66 -17.01
CA VAL C 95 -4.06 -6.82 -17.00
C VAL C 95 -4.75 -6.63 -15.67
N CYS C 96 -4.99 -7.75 -15.05
CA CYS C 96 -5.73 -7.68 -13.84
C CYS C 96 -4.90 -7.01 -12.71
N ALA C 97 -3.58 -7.12 -12.78
CA ALA C 97 -2.76 -6.44 -11.77
C ALA C 97 -3.08 -4.96 -11.71
N ALA C 98 -3.13 -4.29 -12.85
CA ALA C 98 -3.40 -2.85 -12.88
C ALA C 98 -4.74 -2.45 -12.31
N LEU C 99 -5.76 -3.31 -12.44
CA LEU C 99 -7.02 -3.02 -11.86
C LEU C 99 -6.99 -2.85 -10.39
N ASN C 100 -6.04 -3.55 -9.73
CA ASN C 100 -5.95 -3.51 -8.30
C ASN C 100 -5.37 -2.20 -7.79
N ASP C 101 -4.90 -1.35 -8.69
CA ASP C 101 -4.50 -0.02 -8.33
C ASP C 101 -5.51 1.07 -8.65
N GLN C 102 -6.68 0.71 -9.19
CA GLN C 102 -7.63 1.71 -9.71
C GLN C 102 -8.63 2.10 -8.66
N TYR C 103 -9.09 3.34 -8.69
CA TYR C 103 -10.11 3.77 -7.79
C TYR C 103 -11.34 4.22 -8.60
N GLY C 104 -12.51 4.16 -7.98
CA GLY C 104 -13.70 4.86 -8.53
C GLY C 104 -13.46 6.38 -8.53
N GLY C 105 -14.22 7.10 -9.31
CA GLY C 105 -14.09 8.54 -9.41
C GLY C 105 -14.50 9.34 -8.23
N GLY C 106 -15.08 8.71 -7.24
CA GLY C 106 -15.44 9.35 -5.97
C GLY C 106 -16.91 9.76 -5.86
N THR C 107 -17.36 9.84 -4.61
CA THR C 107 -18.69 10.39 -4.27
C THR C 107 -18.49 11.49 -3.23
N VAL C 108 -18.86 12.72 -3.58
CA VAL C 108 -18.78 13.83 -2.59
C VAL C 108 -20.11 13.83 -1.81
N VAL C 109 -20.02 13.49 -0.53
CA VAL C 109 -21.20 13.36 0.38
C VAL C 109 -21.27 14.57 1.29
N THR C 110 -22.43 15.19 1.30
CA THR C 110 -22.77 16.26 2.22
C THR C 110 -23.92 15.79 3.06
N VAL C 111 -23.70 15.62 4.37
CA VAL C 111 -24.78 15.33 5.32
C VAL C 111 -25.19 16.64 6.03
N ASN C 112 -26.44 17.05 5.90
CA ASN C 112 -26.84 18.35 6.43
C ASN C 112 -26.92 18.20 7.94
N ALA C 113 -26.56 19.27 8.65
CA ALA C 113 -26.75 19.29 10.08
C ALA C 113 -28.19 19.02 10.50
N ALA C 114 -28.32 18.44 11.67
CA ALA C 114 -29.60 18.18 12.27
C ALA C 114 -30.41 19.47 12.39
N ALA C 115 -31.70 19.34 12.17
CA ALA C 115 -32.58 20.45 11.98
C ALA C 115 -33.42 20.55 13.25
N HIS C 116 -32.98 21.34 14.22
CA HIS C 116 -33.63 21.38 15.55
C HIS C 116 -34.58 22.53 15.78
N HIS C 117 -34.56 23.56 14.93
CA HIS C 117 -35.53 24.67 14.99
C HIS C 117 -36.57 24.65 13.86
N HIS C 118 -37.59 25.51 14.03
CA HIS C 118 -38.81 25.63 13.20
C HIS C 118 -39.93 24.86 13.87
N LYS D 1 13.59 -29.24 -7.75
CA LYS D 1 13.47 -30.54 -8.48
C LYS D 1 12.54 -30.37 -9.66
N VAL D 2 12.86 -31.07 -10.75
CA VAL D 2 12.00 -31.06 -11.92
C VAL D 2 11.26 -32.39 -11.98
N PHE D 3 9.94 -32.37 -11.78
CA PHE D 3 9.16 -33.61 -11.87
C PHE D 3 9.05 -34.14 -13.28
N GLY D 4 8.98 -35.45 -13.42
CA GLY D 4 8.44 -36.07 -14.62
C GLY D 4 6.92 -35.99 -14.67
N ARG D 5 6.32 -36.15 -15.85
CA ARG D 5 4.89 -35.96 -16.03
C ARG D 5 4.08 -36.97 -15.21
N CYS D 6 4.44 -38.23 -15.34
CA CYS D 6 3.68 -39.28 -14.67
C CYS D 6 3.97 -39.24 -13.16
N GLU D 7 5.18 -38.83 -12.82
CA GLU D 7 5.57 -38.64 -11.43
C GLU D 7 4.75 -37.57 -10.76
N LEU D 8 4.64 -36.40 -11.41
CA LEU D 8 3.81 -35.34 -10.90
C LEU D 8 2.31 -35.73 -10.82
N ALA D 9 1.80 -36.39 -11.84
CA ALA D 9 0.41 -36.88 -11.81
C ALA D 9 0.11 -37.75 -10.59
N ALA D 10 1.00 -38.70 -10.28
CA ALA D 10 0.80 -39.57 -9.14
C ALA D 10 0.78 -38.77 -7.83
N ALA D 11 1.65 -37.76 -7.74
CA ALA D 11 1.81 -37.02 -6.50
C ALA D 11 0.56 -36.17 -6.34
N MET D 12 0.14 -35.54 -7.41
CA MET D 12 -1.05 -34.71 -7.39
C MET D 12 -2.32 -35.57 -7.12
N LYS D 13 -2.37 -36.79 -7.66
CA LYS D 13 -3.44 -37.74 -7.32
C LYS D 13 -3.49 -38.02 -5.83
N ARG D 14 -2.34 -38.31 -5.24
CA ARG D 14 -2.25 -38.71 -3.86
C ARG D 14 -2.79 -37.55 -2.99
N HIS D 15 -2.56 -36.33 -3.47
CA HIS D 15 -3.01 -35.12 -2.80
C HIS D 15 -4.51 -34.77 -2.99
N GLY D 16 -5.26 -35.57 -3.76
CA GLY D 16 -6.70 -35.34 -3.89
C GLY D 16 -7.10 -34.23 -4.84
N LEU D 17 -6.24 -33.90 -5.81
CA LEU D 17 -6.60 -32.89 -6.77
C LEU D 17 -7.59 -33.36 -7.84
N ASP D 18 -7.75 -34.69 -8.03
CA ASP D 18 -8.59 -35.18 -9.09
C ASP D 18 -10.05 -34.84 -8.77
N ASN D 19 -10.67 -34.04 -9.62
CA ASN D 19 -12.04 -33.55 -9.42
C ASN D 19 -12.19 -32.51 -8.27
N TYR D 20 -11.09 -31.94 -7.84
CA TYR D 20 -11.12 -30.95 -6.78
C TYR D 20 -11.74 -29.68 -7.36
N ARG D 21 -12.84 -29.24 -6.73
CA ARG D 21 -13.70 -28.16 -7.24
C ARG D 21 -14.19 -28.45 -8.68
N GLY D 22 -14.22 -29.73 -9.05
CA GLY D 22 -14.67 -30.20 -10.38
C GLY D 22 -13.65 -30.26 -11.49
N TYR D 23 -12.38 -30.11 -11.15
CA TYR D 23 -11.32 -30.13 -12.14
C TYR D 23 -10.59 -31.45 -12.14
N SER D 24 -10.73 -32.17 -13.23
CA SER D 24 -10.09 -33.46 -13.36
C SER D 24 -8.57 -33.33 -13.24
N LEU D 25 -7.91 -34.44 -12.86
CA LEU D 25 -6.45 -34.42 -12.61
C LEU D 25 -5.59 -33.82 -13.72
N GLY D 26 -5.92 -34.15 -14.96
CA GLY D 26 -5.16 -33.66 -16.12
C GLY D 26 -5.05 -32.14 -16.17
N ASN D 27 -6.07 -31.44 -15.68
CA ASN D 27 -5.99 -29.97 -15.60
C ASN D 27 -4.83 -29.40 -14.80
N TRP D 28 -4.61 -30.08 -13.69
CA TRP D 28 -3.57 -29.72 -12.71
C TRP D 28 -2.19 -30.03 -13.22
N VAL D 29 -2.05 -31.16 -13.92
CA VAL D 29 -0.79 -31.50 -14.53
C VAL D 29 -0.46 -30.53 -15.65
N CYS D 30 -1.45 -30.25 -16.47
CA CYS D 30 -1.29 -29.35 -17.58
C CYS D 30 -0.97 -27.94 -17.04
N ALA D 31 -1.66 -27.52 -16.00
CA ALA D 31 -1.39 -26.20 -15.41
C ALA D 31 0.10 -26.13 -14.96
N ALA D 32 0.59 -27.15 -14.29
CA ALA D 32 1.97 -27.17 -13.83
C ALA D 32 2.94 -27.14 -15.00
N LYS D 33 2.61 -27.86 -16.08
CA LYS D 33 3.49 -27.87 -17.26
C LYS D 33 3.67 -26.45 -17.79
N PHE D 34 2.57 -25.75 -17.97
CA PHE D 34 2.60 -24.44 -18.65
C PHE D 34 2.94 -23.29 -17.70
N GLU D 35 2.80 -23.50 -16.40
CA GLU D 35 3.26 -22.51 -15.41
C GLU D 35 4.72 -22.58 -15.12
N SER D 36 5.24 -23.80 -14.86
CA SER D 36 6.61 -23.96 -14.38
C SER D 36 7.44 -24.96 -15.15
N ASN D 37 6.87 -25.64 -16.14
CA ASN D 37 7.56 -26.77 -16.78
C ASN D 37 7.98 -27.87 -15.80
N PHE D 38 7.15 -28.05 -14.77
CA PHE D 38 7.31 -29.06 -13.74
C PHE D 38 8.46 -28.82 -12.78
N ASN D 39 8.91 -27.57 -12.71
CA ASN D 39 10.07 -27.20 -11.86
C ASN D 39 9.60 -26.57 -10.55
N THR D 40 9.85 -27.29 -9.47
CA THR D 40 9.43 -26.87 -8.16
C THR D 40 10.17 -25.58 -7.73
N GLN D 41 11.30 -25.26 -8.35
CA GLN D 41 12.07 -24.06 -7.96
C GLN D 41 11.84 -22.82 -8.82
N ALA D 42 10.92 -22.92 -9.76
CA ALA D 42 10.65 -21.84 -10.71
C ALA D 42 10.22 -20.58 -9.96
N THR D 43 10.83 -19.45 -10.33
CA THR D 43 10.38 -18.15 -9.81
C THR D 43 10.38 -17.17 -10.96
N ASN D 44 9.45 -16.22 -10.93
CA ASN D 44 9.45 -15.18 -11.93
C ASN D 44 9.03 -13.88 -11.28
N ARG D 45 9.84 -12.85 -11.45
CA ARG D 45 9.57 -11.58 -10.82
C ARG D 45 8.67 -10.75 -11.74
N ASN D 46 7.75 -10.02 -11.16
CA ASN D 46 6.73 -9.24 -11.87
C ASN D 46 6.93 -7.76 -11.63
N THR D 47 6.39 -6.92 -12.53
CA THR D 47 6.50 -5.45 -12.47
C THR D 47 5.96 -4.76 -11.22
N ASP D 48 4.91 -5.34 -10.61
CA ASP D 48 4.32 -4.75 -9.41
C ASP D 48 5.11 -5.11 -8.15
N GLY D 49 6.27 -5.76 -8.30
CA GLY D 49 7.08 -6.05 -7.12
C GLY D 49 6.78 -7.41 -6.54
N SER D 50 5.78 -8.11 -7.12
CA SER D 50 5.42 -9.45 -6.70
C SER D 50 6.30 -10.44 -7.47
N THR D 51 6.30 -11.68 -6.98
CA THR D 51 7.02 -12.78 -7.62
C THR D 51 6.05 -13.98 -7.66
N ASP D 52 6.14 -14.81 -8.70
CA ASP D 52 5.39 -16.06 -8.81
C ASP D 52 6.34 -17.21 -8.35
N TYR D 53 5.85 -18.11 -7.54
CA TYR D 53 6.70 -19.14 -6.92
C TYR D 53 6.26 -20.58 -7.18
N GLY D 54 7.19 -21.42 -7.58
CA GLY D 54 6.98 -22.82 -7.54
C GLY D 54 6.29 -23.41 -8.75
N ILE D 55 5.92 -24.67 -8.58
CA ILE D 55 5.42 -25.53 -9.66
C ILE D 55 4.11 -25.00 -10.28
N LEU D 56 3.33 -24.26 -9.46
CA LEU D 56 2.09 -23.55 -9.89
C LEU D 56 2.17 -22.00 -9.90
N GLN D 57 3.37 -21.48 -9.83
CA GLN D 57 3.65 -20.05 -10.03
C GLN D 57 2.69 -19.19 -9.25
N ILE D 58 2.58 -19.50 -7.98
CA ILE D 58 1.70 -18.79 -7.05
C ILE D 58 2.22 -17.39 -6.67
N ASN D 59 1.36 -16.40 -6.81
CA ASN D 59 1.78 -14.98 -6.70
C ASN D 59 1.83 -14.39 -5.30
N SER D 60 2.93 -13.70 -5.00
CA SER D 60 3.15 -13.19 -3.67
C SER D 60 2.33 -11.96 -3.31
N ARG D 61 1.60 -11.35 -4.24
CA ARG D 61 0.72 -10.24 -3.83
C ARG D 61 -0.44 -10.72 -2.99
N TRP D 62 -0.84 -11.99 -3.14
CA TRP D 62 -2.06 -12.47 -2.53
C TRP D 62 -1.86 -13.64 -1.57
N TRP D 63 -0.97 -14.57 -1.90
CA TRP D 63 -1.05 -15.95 -1.36
C TRP D 63 -0.01 -16.36 -0.35
N CYS D 64 1.16 -15.77 -0.40
CA CYS D 64 2.27 -16.13 0.49
C CYS D 64 3.07 -14.88 0.83
N ASN D 65 3.90 -14.98 1.88
CA ASN D 65 4.76 -13.86 2.28
C ASN D 65 6.20 -14.04 1.81
N ASP D 66 6.70 -13.08 1.04
CA ASP D 66 8.12 -13.02 0.70
C ASP D 66 8.81 -11.77 1.28
N GLY D 67 8.09 -11.00 2.09
CA GLY D 67 8.66 -9.85 2.78
C GLY D 67 9.16 -8.72 1.91
N ARG D 68 8.88 -8.75 0.60
CA ARG D 68 9.32 -7.69 -0.34
C ARG D 68 8.27 -7.24 -1.41
N THR D 69 7.06 -7.76 -1.32
CA THR D 69 6.00 -7.41 -2.25
C THR D 69 5.12 -6.30 -1.69
N PRO D 70 5.04 -5.18 -2.43
CA PRO D 70 4.19 -4.09 -1.99
C PRO D 70 2.71 -4.45 -2.02
N GLY D 71 1.97 -3.93 -1.05
CA GLY D 71 0.50 -3.98 -1.13
C GLY D 71 -0.02 -5.38 -1.00
N SER D 72 0.63 -6.21 -0.21
CA SER D 72 0.32 -7.63 -0.32
C SER D 72 -0.46 -8.26 0.83
N ARG D 73 -1.08 -9.39 0.49
CA ARG D 73 -1.73 -10.26 1.43
C ARG D 73 -0.97 -11.62 1.48
N ASN D 74 -1.32 -12.45 2.45
CA ASN D 74 -0.69 -13.78 2.63
C ASN D 74 -1.81 -14.72 2.98
N LEU D 75 -2.70 -14.92 2.03
CA LEU D 75 -3.95 -15.64 2.28
C LEU D 75 -3.78 -17.14 2.53
N CYS D 76 -2.70 -17.73 2.01
CA CYS D 76 -2.34 -19.11 2.34
C CYS D 76 -1.58 -19.24 3.66
N ASN D 77 -1.19 -18.10 4.25
CA ASN D 77 -0.49 -18.08 5.53
C ASN D 77 0.78 -18.92 5.55
N ILE D 78 1.59 -18.70 4.52
CA ILE D 78 2.86 -19.39 4.38
C ILE D 78 3.92 -18.46 3.90
N PRO D 79 5.20 -18.76 4.24
CA PRO D 79 6.30 -18.06 3.58
C PRO D 79 6.39 -18.59 2.14
N CYS D 80 6.81 -17.73 1.21
CA CYS D 80 6.88 -18.12 -0.20
C CYS D 80 7.95 -19.21 -0.46
N SER D 81 8.94 -19.25 0.42
CA SER D 81 9.96 -20.32 0.40
C SER D 81 9.34 -21.70 0.46
N ALA D 82 8.19 -21.83 1.14
CA ALA D 82 7.48 -23.09 1.25
C ALA D 82 6.99 -23.60 -0.10
N LEU D 83 6.82 -22.67 -1.03
CA LEU D 83 6.34 -23.01 -2.36
C LEU D 83 7.44 -23.48 -3.30
N LEU D 84 8.67 -23.47 -2.82
CA LEU D 84 9.84 -23.88 -3.59
C LEU D 84 10.44 -25.22 -3.16
N SER D 85 9.72 -25.96 -2.32
CA SER D 85 10.12 -27.27 -1.85
C SER D 85 10.05 -28.35 -2.94
N SER D 86 10.87 -29.40 -2.83
CA SER D 86 10.73 -30.53 -3.78
C SER D 86 9.46 -31.32 -3.49
N ASP D 87 8.95 -31.20 -2.27
CA ASP D 87 7.68 -31.79 -1.86
C ASP D 87 6.56 -30.84 -2.21
N ILE D 88 5.53 -31.26 -2.96
CA ILE D 88 4.50 -30.30 -3.46
C ILE D 88 3.36 -29.94 -2.50
N THR D 89 3.40 -30.48 -1.29
CA THR D 89 2.31 -30.34 -0.34
C THR D 89 1.88 -28.88 -0.18
N ALA D 90 2.83 -27.97 0.01
CA ALA D 90 2.48 -26.59 0.35
C ALA D 90 1.85 -25.91 -0.88
N SER D 91 2.38 -26.20 -2.08
CA SER D 91 1.80 -25.62 -3.26
C SER D 91 0.40 -26.17 -3.53
N VAL D 92 0.21 -27.46 -3.30
CA VAL D 92 -1.12 -28.08 -3.45
C VAL D 92 -2.11 -27.47 -2.47
N ASN D 93 -1.73 -27.31 -1.21
CA ASN D 93 -2.67 -26.77 -0.22
C ASN D 93 -3.04 -25.32 -0.56
N CYS D 94 -2.05 -24.56 -1.06
CA CYS D 94 -2.32 -23.18 -1.49
C CYS D 94 -3.18 -23.21 -2.78
N ALA D 95 -2.91 -24.13 -3.72
CA ALA D 95 -3.69 -24.24 -4.94
C ALA D 95 -5.17 -24.56 -4.65
N LYS D 96 -5.42 -25.36 -3.62
CA LYS D 96 -6.76 -25.74 -3.25
C LYS D 96 -7.54 -24.49 -2.78
N LYS D 97 -6.83 -23.59 -2.14
CA LYS D 97 -7.45 -22.32 -1.70
C LYS D 97 -7.72 -21.40 -2.92
N ILE D 98 -6.74 -21.29 -3.78
CA ILE D 98 -6.83 -20.48 -4.98
C ILE D 98 -7.97 -20.89 -5.90
N VAL D 99 -8.11 -22.17 -6.12
CA VAL D 99 -9.15 -22.66 -7.04
C VAL D 99 -10.52 -22.50 -6.43
N SER D 100 -10.58 -22.31 -5.11
CA SER D 100 -11.82 -22.08 -4.37
C SER D 100 -12.18 -20.57 -4.20
N ASP D 101 -11.40 -19.69 -4.80
CA ASP D 101 -11.46 -18.23 -4.54
C ASP D 101 -12.47 -17.48 -5.40
N GLY D 102 -13.10 -18.17 -6.32
CA GLY D 102 -14.19 -17.60 -7.07
C GLY D 102 -14.06 -17.73 -8.62
N ASN D 103 -12.85 -18.04 -9.10
CA ASN D 103 -12.57 -18.03 -10.55
C ASN D 103 -12.07 -19.43 -11.02
N GLY D 104 -12.21 -20.44 -10.16
CA GLY D 104 -11.74 -21.79 -10.47
C GLY D 104 -10.33 -21.73 -10.98
N MET D 105 -10.03 -22.55 -11.97
CA MET D 105 -8.64 -22.59 -12.47
C MET D 105 -8.31 -21.46 -13.42
N ASN D 106 -9.28 -20.59 -13.73
CA ASN D 106 -8.97 -19.37 -14.50
C ASN D 106 -7.98 -18.49 -13.76
N ALA D 107 -7.82 -18.74 -12.46
CA ALA D 107 -6.83 -18.06 -11.62
C ALA D 107 -5.41 -18.24 -12.17
N TRP D 108 -5.18 -19.31 -12.96
CA TRP D 108 -3.87 -19.54 -13.56
C TRP D 108 -3.87 -19.13 -15.04
N VAL D 109 -3.08 -18.12 -15.38
CA VAL D 109 -3.08 -17.57 -16.73
C VAL D 109 -2.66 -18.69 -17.75
N ALA D 110 -1.65 -19.45 -17.35
CA ALA D 110 -1.14 -20.51 -18.25
C ALA D 110 -2.21 -21.59 -18.46
N TRP D 111 -3.01 -21.89 -17.44
CA TRP D 111 -4.10 -22.86 -17.61
C TRP D 111 -5.15 -22.27 -18.60
N ARG D 112 -5.50 -21.01 -18.41
CA ARG D 112 -6.47 -20.38 -19.33
C ARG D 112 -5.98 -20.39 -20.78
N ASN D 113 -4.71 -20.06 -20.96
CA ASN D 113 -4.13 -19.95 -22.30
C ASN D 113 -3.76 -21.29 -22.99
N ARG D 114 -3.35 -22.31 -22.22
CA ARG D 114 -2.83 -23.53 -22.80
C ARG D 114 -3.59 -24.81 -22.46
N CYS D 115 -4.43 -24.79 -21.44
CA CYS D 115 -5.13 -26.00 -20.96
C CYS D 115 -6.64 -25.98 -21.17
N LYS D 116 -7.27 -24.84 -20.81
CA LYS D 116 -8.69 -24.74 -20.83
C LYS D 116 -9.22 -25.06 -22.22
N GLY D 117 -10.23 -25.92 -22.30
CA GLY D 117 -10.76 -26.35 -23.56
C GLY D 117 -9.89 -27.25 -24.44
N THR D 118 -8.83 -27.81 -23.88
CA THR D 118 -8.05 -28.79 -24.60
C THR D 118 -8.31 -30.15 -23.99
N ASP D 119 -7.72 -31.19 -24.62
CA ASP D 119 -7.80 -32.57 -24.14
C ASP D 119 -6.85 -32.73 -22.92
N VAL D 120 -7.27 -32.17 -21.79
CA VAL D 120 -6.43 -32.20 -20.57
C VAL D 120 -6.14 -33.62 -20.06
N GLN D 121 -7.02 -34.59 -20.33
CA GLN D 121 -6.80 -35.94 -19.79
C GLN D 121 -5.59 -36.55 -20.47
N ALA D 122 -5.24 -36.04 -21.67
CA ALA D 122 -4.00 -36.46 -22.33
C ALA D 122 -2.77 -36.38 -21.43
N TRP D 123 -2.77 -35.44 -20.49
CA TRP D 123 -1.67 -35.21 -19.59
C TRP D 123 -1.50 -36.29 -18.54
N ILE D 124 -2.48 -37.19 -18.38
CA ILE D 124 -2.30 -38.29 -17.45
C ILE D 124 -2.41 -39.67 -18.09
N ARG D 125 -2.51 -39.71 -19.41
CA ARG D 125 -2.64 -40.93 -20.14
C ARG D 125 -1.26 -41.61 -20.12
N GLY D 126 -1.26 -42.93 -20.04
CA GLY D 126 -0.02 -43.68 -19.94
C GLY D 126 0.72 -43.61 -18.61
N CYS D 127 0.13 -42.97 -17.61
CA CYS D 127 0.65 -43.01 -16.25
C CYS D 127 -0.15 -44.10 -15.59
N ARG D 128 0.42 -44.87 -14.70
CA ARG D 128 -0.32 -46.09 -14.28
C ARG D 128 -1.12 -45.88 -12.99
N LEU D 129 -1.95 -44.81 -13.01
CA LEU D 129 -2.64 -44.26 -11.82
C LEU D 129 -3.82 -45.11 -11.35
#